data_5M2F
#
_entry.id   5M2F
#
_cell.length_a   79.475
_cell.length_b   79.475
_cell.length_c   49.823
_cell.angle_alpha   90.00
_cell.angle_beta   90.00
_cell.angle_gamma   120.00
#
_symmetry.space_group_name_H-M   'P 31'
#
loop_
_entity.id
_entity.type
_entity.pdbx_description
1 polymer 'Aldo-keto reductase family 1 member B10'
2 non-polymer 'NADP NICOTINAMIDE-ADENINE-DINUCLEOTIDE PHOSPHATE'
3 non-polymer '3-bromo-4-[(1E)-2-(5,5,8,8-tetramethyl-5,6,7,8-tetrahydronaphthalen-2-yl)prop-1-en-1-yl]benzoic acid'
4 non-polymer 1,2-ETHANEDIOL
5 water water
#
_entity_poly.entity_id   1
_entity_poly.type   'polypeptide(L)'
_entity_poly.pdbx_seq_one_letter_code
;MATFVELSTKA(MLZ)MPIVGLGTWKSPLG(MLY)V(MLZ)EAV(MLY)VAIDAGYRHIDCAYVYQNEHEVGEAIQE
(MLZ)IQE(MLY)AVKREDLFIVSKLWPTFFERPLVRKAFE(MLY)TL(MLZ)DLKLSYLDVYLIHWPQGFKSGDDLFPR
DDKGNAIGGKATFLDAWEAMEELVDEGLV(MLZ)ALGVSNFSHFQIE(MLZ)LLNKPGL(MLZ)YKPVTNQVECHPYLTQ
EKLIQYCHS(MLY)GITVTAYSPLGSPDRPWAKPEDPSLLEDP(MLZ)I(MLY)EIAAKH(MLY)(MLZ)TAAQVLIRFH
IQRNVIVIP(MLY)SVTPARIVENIQVFDFKLSDEEMATILSFNRNWRACNLLQSSHLEDYPFNAEY
;
_entity_poly.pdbx_strand_id   X
#
# COMPACT_ATOMS: atom_id res chain seq x y z
N MET A 1 19.02 6.98 -1.47
CA MET A 1 19.21 5.73 -0.73
C MET A 1 18.48 5.77 0.61
N ALA A 2 17.49 4.88 0.75
CA ALA A 2 16.53 4.94 1.86
C ALA A 2 16.92 4.11 3.08
N THR A 3 16.48 4.58 4.24
CA THR A 3 16.57 3.81 5.47
C THR A 3 15.48 2.73 5.40
N PHE A 4 15.38 1.89 6.42
CA PHE A 4 14.50 0.73 6.36
C PHE A 4 13.67 0.61 7.62
N VAL A 5 12.64 -0.23 7.53
CA VAL A 5 11.90 -0.68 8.71
C VAL A 5 12.00 -2.19 8.74
N GLU A 6 12.51 -2.74 9.84
CA GLU A 6 12.71 -4.18 9.92
C GLU A 6 11.40 -4.90 10.21
N LEU A 7 11.15 -5.97 9.45
CA LEU A 7 9.95 -6.78 9.64
C LEU A 7 10.18 -7.86 10.71
N SER A 8 9.10 -8.53 11.10
CA SER A 8 9.19 -9.59 12.09
C SER A 8 10.03 -10.76 11.57
N THR A 9 10.20 -10.80 10.25
CA THR A 9 10.99 -11.83 9.59
C THR A 9 12.44 -11.39 9.48
N LYS A 10 12.76 -10.25 10.09
CA LYS A 10 14.09 -9.63 10.01
C LYS A 10 14.43 -9.09 8.61
N ALA A 11 13.54 -9.27 7.63
CA ALA A 11 13.78 -8.68 6.31
C ALA A 11 13.70 -7.15 6.43
N MET A 13 12.48 -3.76 4.82
CA MET A 13 11.56 -3.11 3.89
C MET A 13 11.91 -1.64 3.75
N PRO A 14 12.32 -1.21 2.55
CA PRO A 14 12.69 0.19 2.33
C PRO A 14 11.55 1.14 2.70
N ILE A 15 11.87 2.17 3.47
CA ILE A 15 10.83 2.98 4.09
C ILE A 15 10.09 3.90 3.10
N VAL A 16 10.70 4.14 1.94
CA VAL A 16 10.05 4.83 0.83
C VAL A 16 9.96 3.87 -0.36
N GLY A 17 8.76 3.68 -0.89
CA GLY A 17 8.56 2.88 -2.08
C GLY A 17 7.84 3.66 -3.17
N LEU A 18 7.80 3.11 -4.38
CA LEU A 18 7.07 3.76 -5.46
C LEU A 18 5.70 3.14 -5.64
N GLY A 19 4.66 3.97 -5.63
CA GLY A 19 3.32 3.52 -5.90
C GLY A 19 3.05 3.45 -7.41
N THR A 20 2.16 2.56 -7.81
CA THR A 20 1.90 2.36 -9.24
C THR A 20 0.41 2.32 -9.63
N TRP A 21 -0.48 2.62 -8.68
CA TRP A 21 -1.91 2.70 -9.01
C TRP A 21 -2.19 3.81 -10.02
N LYS A 22 -2.84 3.46 -11.13
CA LYS A 22 -3.18 4.39 -12.19
C LYS A 22 -1.96 4.96 -12.91
N SER A 23 -0.80 4.34 -12.75
CA SER A 23 0.33 4.67 -13.62
C SER A 23 0.10 4.10 -15.04
N PRO A 24 -0.05 4.98 -16.04
CA PRO A 24 -0.48 4.51 -17.37
C PRO A 24 0.59 3.70 -18.08
N LEU A 25 0.15 2.83 -18.99
CA LEU A 25 1.05 2.04 -19.82
C LEU A 25 1.74 2.96 -20.82
N GLY A 26 3.07 3.01 -20.77
CA GLY A 26 3.79 3.96 -21.58
C GLY A 26 4.43 5.00 -20.69
N VAL A 28 4.51 4.05 -16.93
CA VAL A 28 4.92 3.30 -15.73
C VAL A 28 6.30 2.63 -15.85
N GLU A 30 8.85 3.88 -17.54
CA GLU A 30 9.81 4.96 -17.34
C GLU A 30 9.85 5.39 -15.88
N ALA A 31 8.67 5.38 -15.25
CA ALA A 31 8.52 5.69 -13.83
C ALA A 31 9.39 4.79 -12.96
N VAL A 32 9.30 3.49 -13.19
CA VAL A 32 10.07 2.51 -12.42
C VAL A 32 11.58 2.68 -12.66
N VAL A 34 13.23 5.46 -13.63
CA VAL A 34 13.68 6.69 -12.99
C VAL A 34 13.81 6.49 -11.46
N ALA A 35 12.85 5.77 -10.89
CA ALA A 35 12.86 5.54 -9.44
C ALA A 35 14.07 4.71 -8.99
N ILE A 36 14.40 3.65 -9.72
CA ILE A 36 15.54 2.81 -9.38
C ILE A 36 16.83 3.62 -9.49
N ASP A 37 16.94 4.42 -10.54
CA ASP A 37 18.07 5.32 -10.67
C ASP A 37 18.17 6.28 -9.48
N ALA A 38 17.02 6.80 -9.05
CA ALA A 38 16.97 7.78 -7.96
C ALA A 38 17.22 7.14 -6.59
N GLY A 39 17.27 5.82 -6.53
CA GLY A 39 17.54 5.14 -5.28
C GLY A 39 16.38 4.36 -4.68
N TYR A 40 15.23 4.34 -5.35
CA TYR A 40 14.10 3.54 -4.89
C TYR A 40 14.46 2.07 -5.00
N ARG A 41 14.14 1.30 -3.97
CA ARG A 41 14.39 -0.14 -3.98
C ARG A 41 13.09 -0.91 -3.68
N HIS A 42 12.01 -0.18 -3.44
CA HIS A 42 10.72 -0.73 -3.05
C HIS A 42 9.69 -0.25 -4.08
N ILE A 43 9.03 -1.21 -4.75
CA ILE A 43 8.00 -0.90 -5.73
C ILE A 43 6.70 -1.57 -5.28
N ASP A 44 5.62 -0.79 -5.17
CA ASP A 44 4.34 -1.32 -4.72
C ASP A 44 3.42 -1.54 -5.91
N CYS A 45 2.99 -2.79 -6.09
CA CYS A 45 2.22 -3.22 -7.26
C CYS A 45 0.91 -3.89 -6.87
N ALA A 46 0.07 -4.15 -7.86
CA ALA A 46 -1.16 -4.95 -7.65
C ALA A 46 -1.71 -5.50 -8.95
N TYR A 47 -2.31 -6.68 -8.85
CA TYR A 47 -3.02 -7.31 -9.96
C TYR A 47 -4.02 -6.33 -10.55
N VAL A 48 -4.75 -5.66 -9.67
CA VAL A 48 -5.86 -4.85 -10.09
C VAL A 48 -5.43 -3.58 -10.83
N TYR A 49 -4.15 -3.22 -10.75
CA TYR A 49 -3.69 -2.03 -11.46
C TYR A 49 -3.53 -2.34 -12.96
N GLN A 50 -3.47 -3.63 -13.29
CA GLN A 50 -3.35 -4.12 -14.66
C GLN A 50 -2.17 -3.55 -15.41
N ASN A 51 -1.08 -3.29 -14.70
CA ASN A 51 0.14 -2.74 -15.31
C ASN A 51 1.42 -3.45 -14.87
N GLU A 52 1.28 -4.57 -14.16
CA GLU A 52 2.43 -5.29 -13.61
C GLU A 52 3.35 -5.82 -14.69
N HIS A 53 2.80 -6.06 -15.87
CA HIS A 53 3.59 -6.53 -17.00
C HIS A 53 4.59 -5.47 -17.45
N GLU A 54 4.19 -4.21 -17.39
CA GLU A 54 5.09 -3.11 -17.76
C GLU A 54 6.08 -2.77 -16.64
N VAL A 55 5.63 -2.90 -15.39
CA VAL A 55 6.53 -2.80 -14.25
C VAL A 55 7.62 -3.89 -14.32
N GLY A 56 7.20 -5.12 -14.61
CA GLY A 56 8.12 -6.23 -14.81
C GLY A 56 9.17 -5.95 -15.87
N GLU A 57 8.74 -5.37 -16.98
CA GLU A 57 9.66 -5.02 -18.05
C GLU A 57 10.74 -4.08 -17.52
N ALA A 58 10.34 -3.03 -16.81
CA ALA A 58 11.25 -2.03 -16.25
C ALA A 58 12.24 -2.62 -15.25
N ILE A 59 11.73 -3.44 -14.33
CA ILE A 59 12.59 -4.07 -13.33
C ILE A 59 13.64 -4.93 -14.01
N GLN A 60 13.22 -5.76 -14.96
CA GLN A 60 14.15 -6.67 -15.61
C GLN A 60 15.23 -5.90 -16.38
N GLU A 61 14.82 -4.79 -17.00
CA GLU A 61 15.73 -3.94 -17.75
C GLU A 61 16.85 -3.45 -16.84
N ILE A 63 17.81 -4.66 -13.89
CA ILE A 63 18.62 -5.76 -13.42
C ILE A 63 19.62 -6.17 -14.53
N GLN A 64 19.16 -6.20 -15.77
CA GLN A 64 20.03 -6.54 -16.88
C GLN A 64 21.22 -5.60 -16.98
N GLU A 65 20.96 -4.30 -16.88
N GLU A 65 20.97 -4.30 -16.89
CA GLU A 65 22.01 -3.30 -17.05
CA GLU A 65 22.02 -3.30 -17.05
C GLU A 65 22.75 -2.99 -15.74
C GLU A 65 22.81 -3.03 -15.76
N ALA A 67 22.02 -1.97 -12.85
CA ALA A 67 21.66 -0.83 -12.03
C ALA A 67 21.31 -1.26 -10.61
N VAL A 68 20.81 -2.49 -10.47
CA VAL A 68 20.35 -3.00 -9.19
C VAL A 68 20.29 -4.54 -9.23
N LYS A 69 20.51 -5.17 -8.08
CA LYS A 69 20.40 -6.62 -7.96
C LYS A 69 19.02 -6.94 -7.41
N ARG A 70 18.46 -8.10 -7.79
CA ARG A 70 17.12 -8.48 -7.34
C ARG A 70 17.01 -8.43 -5.84
N GLU A 71 18.02 -8.96 -5.15
CA GLU A 71 17.96 -9.10 -3.70
C GLU A 71 17.97 -7.75 -2.99
N ASP A 72 18.27 -6.69 -3.74
CA ASP A 72 18.24 -5.33 -3.20
C ASP A 72 16.93 -4.62 -3.51
N LEU A 73 16.11 -5.26 -4.35
CA LEU A 73 14.76 -4.79 -4.62
C LEU A 73 13.75 -5.44 -3.70
N PHE A 74 12.71 -4.70 -3.37
CA PHE A 74 11.67 -5.17 -2.48
C PHE A 74 10.36 -5.02 -3.21
N ILE A 75 9.85 -6.11 -3.76
CA ILE A 75 8.67 -6.04 -4.62
C ILE A 75 7.43 -6.58 -3.92
N VAL A 76 6.39 -5.76 -3.90
CA VAL A 76 5.13 -6.11 -3.25
C VAL A 76 4.00 -6.15 -4.27
N SER A 77 3.18 -7.22 -4.21
CA SER A 77 1.93 -7.20 -4.93
C SER A 77 0.77 -7.59 -4.02
N LYS A 78 -0.43 -7.66 -4.58
CA LYS A 78 -1.64 -7.79 -3.79
C LYS A 78 -2.64 -8.74 -4.46
N LEU A 79 -3.33 -9.53 -3.64
CA LEU A 79 -4.39 -10.41 -4.11
C LEU A 79 -5.73 -9.68 -4.09
N TRP A 80 -6.40 -9.64 -5.24
CA TRP A 80 -7.70 -8.98 -5.36
C TRP A 80 -8.79 -9.92 -4.82
N PRO A 81 -9.81 -9.35 -4.15
CA PRO A 81 -10.85 -10.13 -3.46
C PRO A 81 -11.84 -10.94 -4.33
N THR A 82 -11.68 -10.95 -5.65
CA THR A 82 -12.43 -11.90 -6.48
C THR A 82 -11.66 -13.22 -6.60
N PHE A 83 -10.51 -13.31 -5.95
CA PHE A 83 -9.69 -14.51 -6.06
C PHE A 83 -9.40 -15.17 -4.70
N PHE A 84 -10.35 -15.08 -3.76
CA PHE A 84 -10.16 -15.65 -2.42
C PHE A 84 -10.35 -17.17 -2.36
N GLU A 85 -11.01 -17.73 -3.37
CA GLU A 85 -11.16 -19.18 -3.45
C GLU A 85 -9.83 -19.81 -3.76
N ARG A 86 -9.49 -20.89 -3.05
CA ARG A 86 -8.14 -21.45 -3.06
C ARG A 86 -7.41 -21.57 -4.42
N PRO A 87 -8.07 -22.18 -5.44
CA PRO A 87 -7.38 -22.37 -6.73
C PRO A 87 -7.15 -21.05 -7.48
N LEU A 88 -8.04 -20.09 -7.25
CA LEU A 88 -7.91 -18.76 -7.85
C LEU A 88 -6.75 -17.99 -7.23
N VAL A 89 -6.47 -18.20 -5.94
CA VAL A 89 -5.34 -17.57 -5.29
C VAL A 89 -4.05 -17.90 -6.07
N ARG A 90 -3.87 -19.19 -6.34
CA ARG A 90 -2.68 -19.65 -7.06
C ARG A 90 -2.63 -19.09 -8.49
N LYS A 91 -3.74 -19.15 -9.20
CA LYS A 91 -3.79 -18.65 -10.57
C LYS A 91 -3.54 -17.14 -10.66
N ALA A 92 -4.17 -16.40 -9.75
CA ALA A 92 -3.99 -14.95 -9.68
C ALA A 92 -2.52 -14.60 -9.40
N PHE A 93 -1.94 -15.25 -8.39
CA PHE A 93 -0.54 -15.04 -8.04
C PHE A 93 0.38 -15.34 -9.23
N GLU A 94 0.11 -16.43 -9.93
CA GLU A 94 0.93 -16.83 -11.06
C GLU A 94 0.92 -15.81 -12.17
N THR A 96 0.35 -12.58 -11.66
CA THR A 96 1.10 -11.46 -11.10
C THR A 96 2.62 -11.67 -11.23
N LEU A 97 3.09 -12.86 -10.87
CA LEU A 97 4.51 -13.17 -10.93
C LEU A 97 4.99 -13.26 -12.38
N ASP A 99 3.64 -11.61 -15.03
CA ASP A 99 3.68 -10.23 -15.50
C ASP A 99 4.92 -9.49 -14.98
N LEU A 100 5.27 -9.72 -13.72
CA LEU A 100 6.39 -9.00 -13.10
C LEU A 100 7.76 -9.56 -13.51
N LYS A 101 7.74 -10.70 -14.20
CA LYS A 101 8.93 -11.40 -14.65
C LYS A 101 9.86 -11.76 -13.49
N LEU A 102 9.28 -12.12 -12.36
CA LEU A 102 10.07 -12.39 -11.16
C LEU A 102 10.01 -13.86 -10.76
N SER A 103 10.93 -14.28 -9.89
CA SER A 103 10.94 -15.65 -9.40
C SER A 103 10.34 -15.75 -8.00
N TYR A 104 10.19 -14.59 -7.36
CA TYR A 104 9.57 -14.49 -6.05
C TYR A 104 9.16 -13.05 -5.78
N LEU A 105 8.15 -12.88 -4.92
CA LEU A 105 7.76 -11.57 -4.40
C LEU A 105 8.31 -11.43 -3.01
N ASP A 106 8.61 -10.20 -2.61
CA ASP A 106 9.03 -9.94 -1.24
C ASP A 106 7.86 -9.96 -0.26
N VAL A 107 6.75 -9.34 -0.64
CA VAL A 107 5.53 -9.41 0.18
C VAL A 107 4.31 -9.55 -0.73
N TYR A 108 3.34 -10.36 -0.29
CA TYR A 108 2.07 -10.52 -1.00
C TYR A 108 0.92 -10.19 -0.06
N LEU A 109 0.10 -9.21 -0.44
CA LEU A 109 -0.92 -8.71 0.46
C LEU A 109 -2.32 -9.12 0.08
N ILE A 110 -3.17 -9.30 1.09
CA ILE A 110 -4.60 -9.31 0.82
C ILE A 110 -4.98 -7.84 0.55
N HIS A 111 -5.50 -7.56 -0.64
CA HIS A 111 -5.75 -6.19 -1.06
C HIS A 111 -6.88 -5.55 -0.28
N TRP A 112 -7.91 -6.33 0.01
CA TRP A 112 -9.14 -5.83 0.62
C TRP A 112 -9.73 -6.99 1.40
N PRO A 113 -10.24 -6.74 2.64
CA PRO A 113 -10.68 -7.84 3.50
C PRO A 113 -11.97 -8.54 3.08
N GLN A 114 -12.86 -7.85 2.36
CA GLN A 114 -14.13 -8.44 1.95
C GLN A 114 -14.00 -9.22 0.68
N GLY A 115 -14.54 -10.42 0.65
CA GLY A 115 -14.54 -11.24 -0.55
C GLY A 115 -15.61 -10.79 -1.53
N PHE A 116 -15.25 -10.76 -2.81
CA PHE A 116 -16.22 -10.41 -3.86
C PHE A 116 -16.57 -11.68 -4.62
N LYS A 117 -17.60 -11.60 -5.46
CA LYS A 117 -17.98 -12.73 -6.31
C LYS A 117 -16.73 -13.25 -7.02
N SER A 118 -16.48 -14.55 -6.91
CA SER A 118 -15.24 -15.12 -7.44
C SER A 118 -15.17 -15.11 -8.95
N GLY A 119 -13.95 -14.95 -9.48
CA GLY A 119 -13.75 -15.00 -10.91
C GLY A 119 -13.01 -13.79 -11.47
N ASP A 120 -13.07 -13.64 -12.79
CA ASP A 120 -12.27 -12.61 -13.45
C ASP A 120 -13.02 -11.33 -13.79
N ASP A 121 -14.27 -11.21 -13.33
CA ASP A 121 -14.90 -9.90 -13.27
C ASP A 121 -14.34 -9.30 -12.00
N LEU A 122 -13.48 -8.29 -12.14
CA LEU A 122 -12.77 -7.74 -10.98
C LEU A 122 -13.65 -6.82 -10.14
N PHE A 123 -14.70 -6.26 -10.74
CA PHE A 123 -15.59 -5.34 -10.04
C PHE A 123 -17.05 -5.76 -10.19
N PRO A 124 -17.41 -6.93 -9.65
CA PRO A 124 -18.79 -7.42 -9.80
C PRO A 124 -19.74 -6.57 -8.97
N ARG A 125 -20.80 -6.05 -9.58
CA ARG A 125 -21.66 -5.09 -8.88
C ARG A 125 -23.07 -5.13 -9.40
N ASP A 126 -24.03 -4.71 -8.60
CA ASP A 126 -25.41 -4.65 -9.07
C ASP A 126 -25.61 -3.39 -9.88
N ASP A 127 -26.85 -3.16 -10.31
CA ASP A 127 -27.18 -2.03 -11.16
C ASP A 127 -26.84 -0.69 -10.54
N LYS A 128 -27.12 -0.57 -9.24
CA LYS A 128 -26.85 0.65 -8.48
C LYS A 128 -25.35 0.78 -8.18
N GLY A 129 -24.59 -0.26 -8.52
CA GLY A 129 -23.14 -0.21 -8.39
C GLY A 129 -22.57 -0.77 -7.10
N ASN A 130 -23.42 -1.26 -6.20
CA ASN A 130 -22.95 -1.95 -4.99
C ASN A 130 -22.25 -3.28 -5.30
N ALA A 131 -21.18 -3.58 -4.56
CA ALA A 131 -20.36 -4.77 -4.79
C ALA A 131 -21.17 -6.05 -4.61
N ILE A 132 -20.90 -7.07 -5.42
CA ILE A 132 -21.50 -8.38 -5.22
C ILE A 132 -20.52 -9.27 -4.47
N GLY A 133 -20.94 -9.76 -3.31
CA GLY A 133 -20.07 -10.56 -2.45
C GLY A 133 -19.83 -11.96 -2.97
N GLY A 134 -18.79 -12.59 -2.44
CA GLY A 134 -18.52 -14.00 -2.70
C GLY A 134 -18.42 -14.68 -1.35
N LYS A 135 -18.52 -16.02 -1.33
CA LYS A 135 -18.48 -16.75 -0.06
C LYS A 135 -17.08 -17.01 0.54
N ALA A 136 -16.06 -17.02 -0.30
CA ALA A 136 -14.70 -17.22 0.19
C ALA A 136 -14.30 -16.01 1.05
N THR A 137 -13.57 -16.26 2.14
CA THR A 137 -13.21 -15.19 3.07
C THR A 137 -11.72 -14.89 2.97
N PHE A 138 -11.27 -13.85 3.66
CA PHE A 138 -9.84 -13.54 3.68
C PHE A 138 -9.03 -14.61 4.41
N LEU A 139 -9.68 -15.36 5.30
CA LEU A 139 -9.05 -16.51 5.92
C LEU A 139 -8.83 -17.64 4.91
N ASP A 140 -9.81 -17.89 4.04
CA ASP A 140 -9.62 -18.88 2.99
C ASP A 140 -8.43 -18.50 2.12
N ALA A 141 -8.36 -17.22 1.79
CA ALA A 141 -7.32 -16.72 0.90
C ALA A 141 -5.95 -16.86 1.56
N TRP A 142 -5.89 -16.55 2.86
CA TRP A 142 -4.64 -16.58 3.62
C TRP A 142 -4.06 -17.98 3.64
N GLU A 143 -4.94 -18.96 3.84
CA GLU A 143 -4.58 -20.36 3.80
C GLU A 143 -3.83 -20.71 2.50
N ALA A 144 -4.37 -20.26 1.37
CA ALA A 144 -3.74 -20.54 0.09
C ALA A 144 -2.46 -19.72 -0.12
N MET A 145 -2.42 -18.51 0.43
CA MET A 145 -1.22 -17.67 0.31
C MET A 145 -0.06 -18.27 1.09
N GLU A 146 -0.37 -18.95 2.20
CA GLU A 146 0.68 -19.52 3.06
C GLU A 146 1.48 -20.58 2.31
N GLU A 147 0.84 -21.23 1.35
CA GLU A 147 1.51 -22.21 0.48
C GLU A 147 2.63 -21.56 -0.31
N LEU A 148 2.36 -20.36 -0.83
CA LEU A 148 3.35 -19.63 -1.62
C LEU A 148 4.62 -19.38 -0.81
N VAL A 149 4.46 -19.08 0.47
CA VAL A 149 5.60 -18.87 1.35
C VAL A 149 6.31 -20.20 1.65
N ASP A 150 5.54 -21.28 1.78
CA ASP A 150 6.13 -22.61 1.97
C ASP A 150 7.05 -22.92 0.79
N GLU A 151 6.62 -22.52 -0.41
CA GLU A 151 7.29 -22.90 -1.65
C GLU A 151 8.39 -21.92 -2.05
N GLY A 152 8.53 -20.86 -1.26
CA GLY A 152 9.58 -19.88 -1.47
C GLY A 152 9.22 -18.86 -2.53
N LEU A 153 7.96 -18.86 -2.96
CA LEU A 153 7.53 -17.93 -4.02
C LEU A 153 7.23 -16.54 -3.46
N VAL A 154 6.95 -16.47 -2.17
CA VAL A 154 6.72 -15.21 -1.46
C VAL A 154 7.50 -15.23 -0.15
N ALA A 156 7.16 -12.99 2.49
CA ALA A 156 6.29 -12.69 3.63
C ALA A 156 4.91 -12.29 3.16
N LEU A 157 3.91 -12.47 4.02
CA LEU A 157 2.54 -12.13 3.67
C LEU A 157 2.13 -10.86 4.40
N GLY A 158 1.12 -10.18 3.86
CA GLY A 158 0.62 -9.00 4.54
C GLY A 158 -0.84 -8.74 4.27
N VAL A 159 -1.37 -7.67 4.86
CA VAL A 159 -2.75 -7.29 4.66
C VAL A 159 -2.85 -5.83 4.25
N SER A 160 -4.02 -5.45 3.74
CA SER A 160 -4.25 -4.09 3.33
C SER A 160 -5.71 -3.73 3.58
N ASN A 161 -5.94 -2.53 4.09
CA ASN A 161 -7.29 -2.06 4.41
C ASN A 161 -8.00 -2.88 5.46
N PHE A 162 -7.24 -3.41 6.42
CA PHE A 162 -7.78 -4.19 7.53
C PHE A 162 -7.90 -3.28 8.76
N SER A 163 -9.02 -3.35 9.47
CA SER A 163 -9.10 -2.74 10.79
C SER A 163 -8.41 -3.68 11.80
N HIS A 164 -8.24 -3.23 13.04
CA HIS A 164 -7.61 -4.08 14.04
C HIS A 164 -8.46 -5.31 14.41
N PHE A 165 -9.77 -5.23 14.19
CA PHE A 165 -10.63 -6.37 14.47
C PHE A 165 -10.32 -7.50 13.51
N GLN A 166 -10.05 -7.13 12.27
CA GLN A 166 -9.83 -8.11 11.22
C GLN A 166 -8.45 -8.70 11.36
N ILE A 167 -7.51 -7.90 11.85
CA ILE A 167 -6.15 -8.39 12.12
C ILE A 167 -6.17 -9.33 13.32
N GLU A 168 -7.01 -9.02 14.31
CA GLU A 168 -7.22 -9.95 15.42
C GLU A 168 -7.77 -11.30 14.94
N LEU A 170 -7.33 -12.58 12.20
CA LEU A 170 -6.28 -13.28 11.48
C LEU A 170 -5.24 -13.83 12.47
N LEU A 171 -4.84 -12.99 13.40
CA LEU A 171 -3.83 -13.37 14.38
C LEU A 171 -4.34 -14.49 15.31
N ASN A 172 -5.64 -14.47 15.60
CA ASN A 172 -6.26 -15.43 16.52
C ASN A 172 -6.85 -16.67 15.84
N LYS A 173 -6.59 -16.82 14.53
CA LYS A 173 -6.99 -18.01 13.80
C LYS A 173 -6.15 -19.21 14.25
N PRO A 174 -6.81 -20.25 14.79
CA PRO A 174 -6.08 -21.45 15.17
C PRO A 174 -5.35 -22.07 13.98
N GLY A 175 -4.12 -22.50 14.19
CA GLY A 175 -3.36 -23.17 13.16
C GLY A 175 -2.72 -22.25 12.12
N LEU A 176 -2.61 -20.97 12.45
CA LEU A 176 -1.98 -19.99 11.55
C LEU A 176 -0.49 -20.32 11.33
N TYR A 178 1.76 -18.32 9.01
CA TYR A 178 2.51 -17.09 8.85
C TYR A 178 1.71 -15.87 9.29
N LYS A 179 2.37 -14.94 9.96
CA LYS A 179 1.71 -13.71 10.41
C LYS A 179 1.92 -12.58 9.38
N PRO A 180 0.98 -11.63 9.32
CA PRO A 180 1.17 -10.48 8.43
C PRO A 180 2.37 -9.66 8.91
N VAL A 181 3.16 -9.15 7.97
CA VAL A 181 4.31 -8.35 8.36
C VAL A 181 4.02 -6.87 8.21
N THR A 182 2.93 -6.55 7.51
CA THR A 182 2.54 -5.16 7.32
C THR A 182 1.03 -5.06 7.11
N ASN A 183 0.48 -3.89 7.45
CA ASN A 183 -0.87 -3.50 7.08
C ASN A 183 -0.79 -2.20 6.27
N GLN A 184 -1.08 -2.29 4.98
CA GLN A 184 -1.07 -1.13 4.08
C GLN A 184 -2.43 -0.43 4.10
N VAL A 185 -2.45 0.80 4.61
CA VAL A 185 -3.69 1.55 4.73
C VAL A 185 -3.45 3.00 4.32
N GLU A 186 -4.54 3.73 4.08
CA GLU A 186 -4.44 5.15 3.82
C GLU A 186 -3.92 5.86 5.07
N CYS A 187 -2.95 6.75 4.89
CA CYS A 187 -2.42 7.50 6.02
C CYS A 187 -1.79 8.82 5.57
N HIS A 188 -2.17 9.89 6.26
CA HIS A 188 -1.72 11.26 5.97
C HIS A 188 -2.22 12.16 7.12
N PRO A 189 -1.85 13.45 7.13
CA PRO A 189 -2.22 14.27 8.30
C PRO A 189 -3.73 14.40 8.58
N TYR A 190 -4.60 14.10 7.61
CA TYR A 190 -6.03 14.18 7.85
C TYR A 190 -6.58 12.85 8.37
N LEU A 191 -5.79 11.80 8.21
CA LEU A 191 -6.16 10.46 8.65
C LEU A 191 -4.90 9.86 9.25
N THR A 192 -4.63 10.21 10.51
CA THR A 192 -3.32 9.95 11.10
C THR A 192 -3.17 8.53 11.62
N GLN A 193 -4.30 7.81 11.72
CA GLN A 193 -4.29 6.38 12.08
C GLN A 193 -3.56 6.07 13.37
N GLU A 194 -3.69 6.93 14.37
CA GLU A 194 -2.92 6.75 15.60
C GLU A 194 -3.19 5.43 16.32
N LYS A 195 -4.47 5.09 16.48
CA LYS A 195 -4.86 3.87 17.17
C LYS A 195 -4.44 2.63 16.40
N LEU A 196 -4.62 2.69 15.08
CA LEU A 196 -4.30 1.55 14.24
C LEU A 196 -2.79 1.28 14.22
N ILE A 197 -1.98 2.33 14.04
CA ILE A 197 -0.52 2.18 14.08
C ILE A 197 -0.04 1.62 15.43
N GLN A 198 -0.53 2.17 16.53
N GLN A 198 -0.54 2.19 16.53
CA GLN A 198 -0.20 1.70 17.87
CA GLN A 198 -0.26 1.70 17.87
C GLN A 198 -0.52 0.20 17.99
C GLN A 198 -0.50 0.20 17.96
N TYR A 199 -1.67 -0.21 17.49
CA TYR A 199 -2.07 -1.61 17.51
C TYR A 199 -1.13 -2.52 16.70
N CYS A 200 -0.87 -2.13 15.45
CA CYS A 200 -0.05 -2.93 14.57
C CYS A 200 1.36 -3.09 15.09
N HIS A 201 1.94 -1.99 15.55
CA HIS A 201 3.27 -2.02 16.11
C HIS A 201 3.36 -2.92 17.35
N SER A 202 2.33 -2.88 18.21
CA SER A 202 2.31 -3.77 19.37
C SER A 202 2.21 -5.25 18.99
N GLY A 204 3.82 -6.47 16.29
CA GLY A 204 4.95 -6.73 15.42
C GLY A 204 4.64 -6.55 13.94
N ILE A 205 3.59 -5.78 13.66
CA ILE A 205 3.16 -5.51 12.31
C ILE A 205 3.50 -4.07 11.91
N THR A 206 4.22 -3.89 10.82
CA THR A 206 4.52 -2.55 10.32
C THR A 206 3.30 -1.97 9.63
N VAL A 207 3.34 -0.69 9.34
CA VAL A 207 2.26 -0.05 8.60
C VAL A 207 2.85 0.60 7.36
N THR A 208 2.18 0.41 6.23
CA THR A 208 2.55 1.09 4.99
C THR A 208 1.49 2.13 4.66
N ALA A 209 1.91 3.39 4.57
CA ALA A 209 0.99 4.50 4.29
C ALA A 209 0.77 4.67 2.79
N TYR A 210 -0.47 4.48 2.34
CA TYR A 210 -0.79 4.83 0.95
C TYR A 210 -1.52 6.18 0.85
N SER A 211 -1.63 6.69 -0.38
CA SER A 211 -2.19 8.02 -0.63
CA SER A 211 -2.21 8.01 -0.63
C SER A 211 -1.63 9.08 0.30
N PRO A 212 -0.28 9.15 0.43
CA PRO A 212 0.28 10.09 1.41
C PRO A 212 0.11 11.55 1.03
N LEU A 213 -0.20 11.81 -0.23
CA LEU A 213 -0.37 13.18 -0.72
C LEU A 213 -1.86 13.54 -0.85
N GLY A 214 -2.72 12.62 -0.41
CA GLY A 214 -4.14 12.82 -0.54
C GLY A 214 -4.68 12.42 -1.90
N SER A 215 -3.88 11.67 -2.66
CA SER A 215 -4.28 11.18 -3.98
CA SER A 215 -4.29 11.20 -3.99
C SER A 215 -4.99 12.29 -4.77
N PRO A 216 -4.27 13.40 -5.05
CA PRO A 216 -4.90 14.57 -5.68
C PRO A 216 -5.54 14.35 -7.07
N ASP A 217 -5.18 13.28 -7.77
CA ASP A 217 -5.75 13.04 -9.10
C ASP A 217 -6.90 12.02 -9.10
N ARG A 218 -7.39 11.68 -7.91
CA ARG A 218 -8.50 10.74 -7.81
C ARG A 218 -9.72 11.33 -8.52
N PRO A 219 -10.38 10.52 -9.36
CA PRO A 219 -11.52 10.93 -10.21
C PRO A 219 -12.72 11.42 -9.42
N TRP A 220 -12.89 10.93 -8.20
CA TRP A 220 -14.07 11.22 -7.41
C TRP A 220 -13.88 12.42 -6.49
N ALA A 221 -12.85 13.20 -6.79
CA ALA A 221 -12.49 14.35 -5.97
C ALA A 221 -13.42 15.54 -6.20
N LYS A 222 -13.96 16.05 -5.09
CA LYS A 222 -14.76 17.28 -5.10
C LYS A 222 -13.91 18.44 -4.58
N PRO A 223 -14.12 19.65 -5.13
CA PRO A 223 -13.28 20.80 -4.74
C PRO A 223 -13.47 21.20 -3.27
N GLU A 224 -14.54 20.68 -2.68
CA GLU A 224 -14.81 20.84 -1.26
C GLU A 224 -13.92 19.92 -0.43
N ASP A 225 -13.58 18.75 -0.98
CA ASP A 225 -12.65 17.83 -0.34
C ASP A 225 -11.35 18.53 -0.03
N PRO A 226 -10.79 18.30 1.16
CA PRO A 226 -9.55 19.02 1.50
C PRO A 226 -8.41 18.60 0.59
N SER A 227 -7.46 19.52 0.38
N SER A 227 -7.43 19.48 0.42
CA SER A 227 -6.28 19.21 -0.40
CA SER A 227 -6.28 19.19 -0.43
C SER A 227 -5.04 19.39 0.48
C SER A 227 -5.00 19.41 0.37
N LEU A 228 -4.28 18.31 0.66
CA LEU A 228 -3.07 18.36 1.46
C LEU A 228 -1.93 19.19 0.86
N LEU A 229 -1.72 19.07 -0.44
CA LEU A 229 -0.60 19.76 -1.10
C LEU A 229 -0.81 21.26 -1.11
N GLU A 230 -2.06 21.68 -1.02
CA GLU A 230 -2.39 23.09 -1.04
C GLU A 230 -2.68 23.65 0.36
N ASP A 231 -2.54 22.80 1.37
CA ASP A 231 -2.86 23.18 2.75
C ASP A 231 -1.84 24.18 3.28
N PRO A 232 -2.29 25.39 3.63
CA PRO A 232 -1.38 26.43 4.10
C PRO A 232 -0.55 26.03 5.32
N ILE A 234 0.43 23.01 6.08
CA ILE A 234 1.43 22.07 5.60
C ILE A 234 2.52 22.85 4.85
N GLU A 236 3.43 25.88 5.31
CA GLU A 236 4.24 26.64 6.27
C GLU A 236 5.47 25.85 6.67
N ILE A 237 5.21 24.60 7.06
CA ILE A 237 6.24 23.67 7.54
C ILE A 237 7.24 23.32 6.43
N ALA A 238 6.73 23.15 5.22
CA ALA A 238 7.57 22.94 4.05
C ALA A 238 8.50 24.13 3.82
N ALA A 239 7.94 25.34 3.88
CA ALA A 239 8.70 26.57 3.73
C ALA A 239 9.82 26.70 4.77
N LYS A 240 9.50 26.37 6.03
CA LYS A 240 10.47 26.41 7.12
C LYS A 240 11.73 25.61 6.80
N HIS A 241 11.58 24.55 6.02
CA HIS A 241 12.72 23.69 5.68
C HIS A 241 13.22 23.90 4.27
N THR A 244 9.40 20.96 -0.25
CA THR A 244 8.05 21.02 -0.83
C THR A 244 7.06 20.39 0.13
N ALA A 245 5.77 20.69 -0.06
CA ALA A 245 4.73 20.11 0.78
C ALA A 245 4.76 18.58 0.67
N ALA A 246 4.96 18.10 -0.55
CA ALA A 246 5.06 16.66 -0.79
C ALA A 246 6.15 16.02 0.07
N GLN A 247 7.31 16.66 0.12
CA GLN A 247 8.43 16.16 0.91
C GLN A 247 8.12 16.10 2.41
N VAL A 248 7.41 17.10 2.92
CA VAL A 248 6.94 17.09 4.31
C VAL A 248 5.96 15.95 4.59
N LEU A 249 5.00 15.75 3.69
CA LEU A 249 3.97 14.72 3.82
C LEU A 249 4.57 13.31 3.83
N ILE A 250 5.66 13.14 3.10
CA ILE A 250 6.34 11.85 3.04
C ILE A 250 7.19 11.65 4.30
N ARG A 251 7.94 12.69 4.67
CA ARG A 251 8.83 12.65 5.85
C ARG A 251 8.08 12.42 7.16
N PHE A 252 6.87 12.96 7.24
CA PHE A 252 5.95 12.70 8.35
C PHE A 252 5.85 11.22 8.69
N HIS A 253 5.66 10.37 7.68
CA HIS A 253 5.56 8.92 7.89
C HIS A 253 6.87 8.28 8.32
N ILE A 254 7.97 8.70 7.66
CA ILE A 254 9.32 8.23 8.01
C ILE A 254 9.61 8.42 9.51
N GLN A 255 9.25 9.58 10.04
CA GLN A 255 9.51 9.87 11.44
C GLN A 255 8.58 9.15 12.41
N ARG A 256 7.60 8.42 11.89
CA ARG A 256 6.75 7.62 12.75
C ARG A 256 7.12 6.14 12.55
N ASN A 257 8.23 5.93 11.84
CA ASN A 257 8.66 4.60 11.43
C ASN A 257 7.58 3.86 10.63
N VAL A 258 6.87 4.61 9.80
CA VAL A 258 5.83 4.04 8.94
C VAL A 258 6.28 4.10 7.48
N ILE A 259 6.23 2.96 6.81
CA ILE A 259 6.56 2.86 5.38
C ILE A 259 5.56 3.68 4.55
N VAL A 260 6.04 4.33 3.49
CA VAL A 260 5.19 5.22 2.70
C VAL A 260 5.46 5.07 1.20
N ILE A 261 4.39 5.03 0.40
CA ILE A 261 4.52 4.70 -1.02
C ILE A 261 3.90 5.72 -1.99
N PRO A 262 4.48 6.92 -2.08
CA PRO A 262 3.91 7.93 -2.99
C PRO A 262 3.96 7.46 -4.44
N SER A 264 4.04 8.32 -8.46
CA SER A 264 4.25 9.31 -9.51
C SER A 264 4.72 8.66 -10.80
N VAL A 265 4.44 9.31 -11.93
CA VAL A 265 5.00 8.90 -13.21
C VAL A 265 5.83 10.04 -13.78
N THR A 266 5.97 11.10 -12.97
CA THR A 266 6.69 12.31 -13.37
C THR A 266 8.11 12.25 -12.80
N PRO A 267 9.11 12.12 -13.68
CA PRO A 267 10.50 11.97 -13.27
C PRO A 267 10.93 12.97 -12.20
N ALA A 268 10.62 14.25 -12.39
CA ALA A 268 10.98 15.28 -11.41
C ALA A 268 10.39 15.00 -10.04
N ARG A 269 9.13 14.57 -10.01
CA ARG A 269 8.45 14.31 -8.75
C ARG A 269 8.94 13.02 -8.12
N ILE A 270 9.26 12.02 -8.95
CA ILE A 270 9.78 10.76 -8.45
C ILE A 270 11.06 11.02 -7.66
N VAL A 271 11.95 11.81 -8.24
CA VAL A 271 13.19 12.20 -7.57
C VAL A 271 12.91 13.03 -6.31
N GLU A 272 12.07 14.06 -6.47
CA GLU A 272 11.68 14.92 -5.35
C GLU A 272 11.16 14.14 -4.15
N ASN A 273 10.33 13.14 -4.41
CA ASN A 273 9.69 12.34 -3.36
C ASN A 273 10.64 11.46 -2.54
N ILE A 274 11.87 11.27 -3.00
CA ILE A 274 12.87 10.50 -2.23
C ILE A 274 14.01 11.39 -1.66
N GLN A 275 13.93 12.69 -1.92
CA GLN A 275 14.82 13.68 -1.29
C GLN A 275 14.28 14.06 0.10
N VAL A 276 14.13 13.07 0.95
CA VAL A 276 13.51 13.25 2.25
C VAL A 276 14.40 12.72 3.36
N PHE A 277 15.69 12.57 3.08
CA PHE A 277 16.61 12.08 4.10
C PHE A 277 17.67 13.11 4.52
N ASP A 278 17.45 14.37 4.13
CA ASP A 278 18.37 15.44 4.48
C ASP A 278 17.71 16.54 5.30
N PHE A 279 16.55 16.25 5.86
CA PHE A 279 15.95 17.20 6.79
C PHE A 279 15.16 16.46 7.84
N LYS A 280 14.74 17.19 8.86
CA LYS A 280 14.02 16.57 9.96
C LYS A 280 12.91 17.47 10.48
N LEU A 281 11.71 16.92 10.59
CA LEU A 281 10.60 17.64 11.20
C LEU A 281 10.79 17.71 12.71
N SER A 282 10.76 18.93 13.27
CA SER A 282 10.87 19.08 14.71
C SER A 282 9.70 18.41 15.42
N ASP A 283 9.83 18.20 16.74
CA ASP A 283 8.80 17.53 17.51
C ASP A 283 7.51 18.32 17.46
N GLU A 284 7.65 19.64 17.57
CA GLU A 284 6.53 20.54 17.55
C GLU A 284 5.86 20.50 16.17
N GLU A 285 6.66 20.33 15.12
CA GLU A 285 6.14 20.21 13.75
C GLU A 285 5.36 18.92 13.57
N MET A 286 5.89 17.81 14.10
CA MET A 286 5.19 16.55 14.07
C MET A 286 3.86 16.64 14.84
N ALA A 287 3.92 17.28 16.01
CA ALA A 287 2.75 17.48 16.85
C ALA A 287 1.70 18.30 16.12
N THR A 288 2.14 19.38 15.49
CA THR A 288 1.26 20.21 14.68
C THR A 288 0.60 19.40 13.56
N ILE A 289 1.41 18.64 12.82
CA ILE A 289 0.88 17.82 11.72
C ILE A 289 -0.14 16.79 12.21
N LEU A 290 0.18 16.11 13.31
CA LEU A 290 -0.72 15.11 13.88
C LEU A 290 -2.04 15.72 14.28
N SER A 291 -2.04 17.00 14.61
CA SER A 291 -3.26 17.67 15.07
C SER A 291 -4.23 17.90 13.93
N PHE A 292 -3.79 17.65 12.70
CA PHE A 292 -4.63 17.90 11.54
C PHE A 292 -5.62 16.77 11.32
N ASN A 293 -5.49 15.70 12.10
CA ASN A 293 -6.33 14.51 11.93
C ASN A 293 -7.81 14.86 11.86
N ARG A 294 -8.43 14.46 10.77
CA ARG A 294 -9.81 14.78 10.52
C ARG A 294 -10.62 13.48 10.46
N ASN A 295 -9.91 12.35 10.45
CA ASN A 295 -10.49 11.05 10.09
C ASN A 295 -11.12 11.06 8.69
N TRP A 296 -10.46 11.73 7.74
CA TRP A 296 -10.97 11.85 6.36
C TRP A 296 -10.28 10.91 5.35
N ARG A 297 -11.06 10.06 4.70
CA ARG A 297 -10.53 9.13 3.68
C ARG A 297 -10.69 9.61 2.24
N ALA A 298 -9.56 9.65 1.54
CA ALA A 298 -9.55 9.92 0.11
C ALA A 298 -10.11 8.68 -0.57
N CYS A 299 -9.73 7.54 0.00
CA CYS A 299 -9.98 6.27 -0.63
C CYS A 299 -10.98 5.45 0.16
N ASN A 300 -12.23 5.58 -0.28
CA ASN A 300 -13.29 4.62 0.02
C ASN A 300 -14.38 4.72 -1.05
N LEU A 301 -13.99 4.50 -2.31
CA LEU A 301 -14.95 4.52 -3.39
C LEU A 301 -15.85 3.27 -3.34
N LEU A 302 -15.51 2.37 -2.43
CA LEU A 302 -16.18 1.08 -2.32
C LEU A 302 -17.56 1.15 -1.67
N GLN A 303 -18.57 1.01 -2.51
CA GLN A 303 -19.94 0.78 -2.09
C GLN A 303 -20.04 -0.69 -1.73
N SER A 304 -19.40 -1.05 -0.62
CA SER A 304 -19.30 -2.42 -0.19
C SER A 304 -19.57 -2.52 1.31
N SER A 305 -20.17 -1.47 1.87
CA SER A 305 -20.45 -1.42 3.31
C SER A 305 -21.49 -2.45 3.74
N HIS A 306 -22.27 -2.95 2.78
CA HIS A 306 -23.34 -3.90 3.04
C HIS A 306 -22.82 -5.32 3.19
N LEU A 307 -21.54 -5.54 2.86
CA LEU A 307 -20.96 -6.87 2.98
C LEU A 307 -20.27 -7.06 4.34
N GLU A 308 -20.13 -8.31 4.75
CA GLU A 308 -19.41 -8.65 5.97
C GLU A 308 -17.95 -8.17 5.89
N ASP A 309 -17.33 -7.91 7.04
CA ASP A 309 -15.92 -7.53 7.11
C ASP A 309 -15.55 -6.21 6.42
N TYR A 310 -16.47 -5.25 6.45
CA TYR A 310 -16.19 -3.92 5.98
C TYR A 310 -15.30 -3.24 7.02
N PRO A 311 -14.11 -2.76 6.62
CA PRO A 311 -13.11 -2.39 7.61
C PRO A 311 -13.29 -0.99 8.19
N PHE A 312 -14.07 -0.13 7.54
CA PHE A 312 -14.03 1.30 7.87
C PHE A 312 -15.14 1.80 8.82
N ASN A 313 -15.93 0.87 9.36
CA ASN A 313 -16.95 1.22 10.35
C ASN A 313 -16.34 1.30 11.74
N ALA A 314 -15.39 0.41 11.99
CA ALA A 314 -14.73 0.30 13.29
C ALA A 314 -14.03 1.59 13.63
N GLU A 315 -13.86 1.86 14.92
CA GLU A 315 -13.13 3.03 15.36
C GLU A 315 -11.70 2.96 14.81
N TYR A 316 -11.06 1.80 14.97
CA TYR A 316 -9.77 1.54 14.31
C TYR A 316 -9.64 0.08 13.96
#